data_2BU9
#
_entry.id   2BU9
#
_cell.length_a   46.465
_cell.length_b   71.012
_cell.length_c   100.768
_cell.angle_alpha   90.00
_cell.angle_beta   90.00
_cell.angle_gamma   90.00
#
_symmetry.space_group_name_H-M   'P 21 21 21'
#
loop_
_entity.id
_entity.type
_entity.pdbx_description
1 polymer 'ISOPENICILLIN N SYNTHETASE'
2 non-polymer 'FE (III) ION'
3 non-polymer "DELTA-(L-ALPHA-AMINOADIPOYL)-L-CYSTEINYL-L-3,3,3,3',3',3'-HEXAFLUOROVALINE"
4 non-polymer 'SULFATE ION'
5 water water
#
_entity_poly.entity_id   1
_entity_poly.type   'polypeptide(L)'
_entity_poly.pdbx_seq_one_letter_code
;MGSVSKANVPKIDVSPLFGDDQAAKMRVAQQIDAASRDTGFFYAVNHGINVQRLSQKTKEFHMSITPEEKWDLAIRAYNK
EHQDQVRAGYYLSIPGKKAVESFCYLNPNFTPDHPRIQAKTPTHEVNVWPDETKHPGFQDFAEQYYWDVFGLSSALLKGY
ALALGKEENFFARHFKPDDTLASVVLIRYPYLDPYPEAAIKTAADGTKLSFEWHEDVSLITVLYQSNVQNLQVETAAGYQ
DIEADDTGYLINCGSYMAHLTNNYYKAPIHRVKWVNAERQSLPFFVNLGYDSVIDPFDPREPNGKSDREPLSYGDYLQNG
LVSLINKNGQT
;
_entity_poly.pdbx_strand_id   A
#
loop_
_chem_comp.id
_chem_comp.type
_chem_comp.name
_chem_comp.formula
FE non-polymer 'FE (III) ION' 'Fe 3'
HFV non-polymer DELTA-(L-ALPHA-AMINOADIPOYL)-L-CYSTEINYL-L-3,3,3,3',3',3'-HEXAFLUOROVALINE 'C14 H19 F6 N3 O6 S'
SO4 non-polymer 'SULFATE ION' 'O4 S -2'
#
# COMPACT_ATOMS: atom_id res chain seq x y z
N SER A 3 4.40 0.72 28.99
CA SER A 3 4.43 -0.10 27.77
C SER A 3 3.18 0.15 26.99
N VAL A 4 3.23 -0.29 25.76
CA VAL A 4 2.16 -0.19 24.86
C VAL A 4 1.67 -1.66 24.70
N SER A 5 0.37 -1.94 24.72
CA SER A 5 -0.11 -3.31 24.45
C SER A 5 0.10 -3.74 23.00
N LYS A 6 0.23 -5.04 22.79
CA LYS A 6 0.33 -5.65 21.47
C LYS A 6 -1.06 -5.67 20.85
N ALA A 7 -1.16 -5.23 19.62
CA ALA A 7 -2.42 -5.28 18.89
C ALA A 7 -2.73 -6.70 18.48
N ASN A 8 -4.02 -7.02 18.42
CA ASN A 8 -4.47 -8.28 17.86
C ASN A 8 -4.41 -8.28 16.35
N VAL A 9 -3.47 -9.04 15.80
CA VAL A 9 -3.26 -9.12 14.39
C VAL A 9 -3.15 -10.58 14.08
N PRO A 10 -4.28 -11.20 13.75
CA PRO A 10 -4.25 -12.63 13.50
C PRO A 10 -3.56 -13.04 12.24
N LYS A 11 -3.04 -14.25 12.18
CA LYS A 11 -2.50 -14.82 10.98
C LYS A 11 -3.58 -15.63 10.31
N ILE A 12 -3.89 -15.34 9.07
CA ILE A 12 -4.95 -16.01 8.30
C ILE A 12 -4.31 -16.69 7.15
N ASP A 13 -4.51 -18.01 7.04
CA ASP A 13 -4.09 -18.80 5.91
C ASP A 13 -5.02 -18.46 4.77
N VAL A 14 -4.52 -17.76 3.77
CA VAL A 14 -5.37 -17.30 2.66
C VAL A 14 -5.33 -18.26 1.48
N SER A 15 -4.59 -19.35 1.58
CA SER A 15 -4.42 -20.25 0.44
C SER A 15 -5.77 -20.76 -0.17
N PRO A 16 -6.84 -21.00 0.62
CA PRO A 16 -8.11 -21.38 -0.04
C PRO A 16 -8.66 -20.37 -1.02
N LEU A 17 -8.27 -19.09 -0.93
CA LEU A 17 -8.76 -18.10 -1.84
C LEU A 17 -8.21 -18.22 -3.24
N PHE A 18 -7.17 -19.04 -3.44
CA PHE A 18 -6.66 -19.35 -4.75
C PHE A 18 -7.31 -20.53 -5.40
N GLY A 19 -8.15 -21.26 -4.69
CA GLY A 19 -8.76 -22.52 -5.20
C GLY A 19 -10.26 -22.44 -5.37
N ASP A 20 -10.85 -23.63 -5.39
CA ASP A 20 -12.27 -23.79 -5.72
C ASP A 20 -13.03 -24.52 -4.64
N ASP A 21 -12.58 -24.54 -3.40
CA ASP A 21 -13.34 -25.08 -2.33
C ASP A 21 -14.12 -23.92 -1.71
N GLN A 22 -15.40 -23.79 -2.06
CA GLN A 22 -16.20 -22.60 -1.66
C GLN A 22 -16.42 -22.51 -0.16
N ALA A 23 -16.69 -23.60 0.56
CA ALA A 23 -16.88 -23.51 1.99
C ALA A 23 -15.59 -23.09 2.69
N ALA A 24 -14.47 -23.61 2.21
CA ALA A 24 -13.18 -23.22 2.77
C ALA A 24 -12.95 -21.73 2.57
N LYS A 25 -13.32 -21.23 1.39
CA LYS A 25 -13.20 -19.79 1.16
C LYS A 25 -14.10 -19.00 2.11
N MET A 26 -15.30 -19.50 2.40
CA MET A 26 -16.12 -18.81 3.36
C MET A 26 -15.50 -18.76 4.76
N ARG A 27 -14.85 -19.86 5.17
CA ARG A 27 -14.22 -19.82 6.47
C ARG A 27 -13.06 -18.85 6.50
N VAL A 28 -12.35 -18.64 5.38
CA VAL A 28 -11.33 -17.57 5.32
C VAL A 28 -12.00 -16.19 5.38
N ALA A 29 -13.10 -16.01 4.62
CA ALA A 29 -13.83 -14.76 4.66
C ALA A 29 -14.29 -14.39 6.07
N GLN A 30 -14.73 -15.38 6.87
CA GLN A 30 -15.13 -15.04 8.21
C GLN A 30 -13.97 -14.45 8.99
N GLN A 31 -12.79 -15.04 8.78
CA GLN A 31 -11.60 -14.56 9.51
C GLN A 31 -11.26 -13.13 9.13
N ILE A 32 -11.38 -12.84 7.86
CA ILE A 32 -11.16 -11.50 7.37
C ILE A 32 -12.19 -10.57 7.95
N ASP A 33 -13.42 -10.99 7.98
CA ASP A 33 -14.48 -10.16 8.59
C ASP A 33 -14.14 -9.85 10.05
N ALA A 34 -13.77 -10.86 10.82
CA ALA A 34 -13.46 -10.66 12.23
C ALA A 34 -12.29 -9.66 12.37
N ALA A 35 -11.25 -9.84 11.61
CA ALA A 35 -10.09 -8.96 11.73
C ALA A 35 -10.47 -7.55 11.33
N SER A 36 -11.27 -7.39 10.28
CA SER A 36 -11.67 -6.10 9.80
C SER A 36 -12.50 -5.37 10.78
N ARG A 37 -13.32 -6.09 11.56
CA ARG A 37 -14.17 -5.48 12.58
C ARG A 37 -13.40 -5.21 13.87
N ASP A 38 -12.23 -5.80 14.08
CA ASP A 38 -11.49 -5.67 15.36
C ASP A 38 -10.41 -4.57 15.11
N THR A 39 -9.13 -4.91 14.98
CA THR A 39 -8.13 -3.86 14.87
C THR A 39 -8.02 -3.36 13.47
N GLY A 40 -8.49 -4.13 12.49
CA GLY A 40 -8.36 -3.74 11.13
C GLY A 40 -7.12 -4.26 10.44
N PHE A 41 -6.30 -5.05 11.09
CA PHE A 41 -5.12 -5.61 10.50
C PHE A 41 -5.12 -7.13 10.63
N PHE A 42 -4.51 -7.79 9.66
CA PHE A 42 -4.18 -9.22 9.78
C PHE A 42 -2.97 -9.52 8.96
N TYR A 43 -2.34 -10.63 9.24
CA TYR A 43 -1.27 -11.16 8.39
C TYR A 43 -1.83 -12.25 7.53
N ALA A 44 -1.67 -12.10 6.21
CA ALA A 44 -1.91 -13.14 5.25
C ALA A 44 -0.70 -14.08 5.21
N VAL A 45 -0.92 -15.33 5.49
CA VAL A 45 0.08 -16.36 5.40
C VAL A 45 -0.31 -17.43 4.40
N ASN A 46 0.66 -18.23 3.97
CA ASN A 46 0.47 -19.19 2.89
C ASN A 46 0.01 -18.50 1.63
N HIS A 47 0.65 -17.38 1.37
CA HIS A 47 0.31 -16.48 0.26
C HIS A 47 1.00 -16.81 -1.06
N GLY A 48 2.01 -17.64 -1.01
CA GLY A 48 2.68 -18.12 -2.21
C GLY A 48 3.71 -17.20 -2.83
N ILE A 49 3.99 -16.04 -2.26
CA ILE A 49 4.97 -15.13 -2.80
C ILE A 49 6.33 -15.37 -2.13
N ASN A 50 7.39 -15.32 -2.95
CA ASN A 50 8.77 -15.46 -2.42
C ASN A 50 9.22 -14.09 -1.92
N VAL A 51 8.93 -13.78 -0.65
CA VAL A 51 9.24 -12.48 -0.07
C VAL A 51 10.71 -12.38 0.28
N GLN A 52 11.38 -13.47 0.52
CA GLN A 52 12.80 -13.34 0.78
C GLN A 52 13.54 -12.83 -0.45
N ARG A 53 13.15 -13.35 -1.62
CA ARG A 53 13.76 -12.91 -2.88
C ARG A 53 13.36 -11.52 -3.18
N LEU A 54 12.11 -11.12 -2.95
CA LEU A 54 11.68 -9.72 -3.04
C LEU A 54 12.62 -8.84 -2.22
N SER A 55 12.85 -9.18 -0.97
CA SER A 55 13.68 -8.36 -0.08
C SER A 55 15.11 -8.31 -0.56
N GLN A 56 15.65 -9.41 -1.07
CA GLN A 56 17.04 -9.43 -1.58
C GLN A 56 17.21 -8.58 -2.82
N LYS A 57 16.26 -8.67 -3.76
CA LYS A 57 16.36 -7.88 -4.99
C LYS A 57 16.17 -6.39 -4.66
N THR A 58 15.31 -6.04 -3.72
CA THR A 58 15.10 -4.68 -3.32
C THR A 58 16.32 -4.13 -2.61
N LYS A 59 16.92 -4.91 -1.75
CA LYS A 59 18.16 -4.50 -1.09
C LYS A 59 19.25 -4.23 -2.10
N GLU A 60 19.41 -5.11 -3.07
CA GLU A 60 20.45 -4.91 -4.06
C GLU A 60 20.24 -3.58 -4.81
N PHE A 61 19.00 -3.26 -5.15
CA PHE A 61 18.65 -1.97 -5.79
C PHE A 61 18.99 -0.79 -4.87
N HIS A 62 18.46 -0.80 -3.64
CA HIS A 62 18.60 0.33 -2.76
C HIS A 62 20.06 0.58 -2.45
N MET A 63 20.85 -0.44 -2.31
CA MET A 63 22.22 -0.25 -1.84
C MET A 63 23.11 0.07 -2.99
N SER A 64 22.72 -0.10 -4.25
CA SER A 64 23.56 0.22 -5.38
C SER A 64 23.18 1.45 -6.14
N ILE A 65 21.97 1.93 -6.02
CA ILE A 65 21.59 3.15 -6.74
C ILE A 65 22.40 4.34 -6.23
N THR A 66 22.81 5.22 -7.14
CA THR A 66 23.71 6.33 -6.82
C THR A 66 22.96 7.65 -6.81
N PRO A 67 23.56 8.69 -6.20
CA PRO A 67 22.92 9.99 -6.24
C PRO A 67 22.58 10.50 -7.63
N GLU A 68 23.43 10.23 -8.58
CA GLU A 68 23.20 10.66 -9.94
C GLU A 68 21.92 10.03 -10.47
N GLU A 69 21.77 8.73 -10.24
CA GLU A 69 20.59 7.98 -10.71
C GLU A 69 19.34 8.48 -10.05
N LYS A 70 19.41 8.80 -8.75
CA LYS A 70 18.23 9.31 -8.04
C LYS A 70 17.73 10.60 -8.63
N TRP A 71 18.60 11.54 -8.97
CA TRP A 71 18.10 12.75 -9.63
C TRP A 71 17.45 12.44 -10.95
N ASP A 72 18.10 11.51 -11.66
CA ASP A 72 17.63 11.14 -13.02
C ASP A 72 16.29 10.43 -13.02
N LEU A 73 15.90 9.81 -11.92
CA LEU A 73 14.63 9.12 -11.77
C LEU A 73 13.65 9.92 -10.90
N ALA A 74 14.01 11.08 -10.39
CA ALA A 74 13.26 11.74 -9.35
C ALA A 74 11.88 12.20 -9.78
N ILE A 75 10.91 12.07 -8.86
CA ILE A 75 9.63 12.74 -9.05
C ILE A 75 9.71 14.25 -9.04
N ARG A 76 8.69 14.86 -9.58
CA ARG A 76 8.55 16.33 -9.70
C ARG A 76 8.79 17.12 -8.43
N ALA A 77 8.45 16.54 -7.28
CA ALA A 77 8.65 17.20 -6.02
C ALA A 77 10.17 17.45 -5.75
N TYR A 78 11.04 16.63 -6.33
CA TYR A 78 12.48 16.78 -6.17
C TYR A 78 13.17 17.28 -7.39
N ASN A 79 12.56 17.17 -8.55
CA ASN A 79 13.23 17.54 -9.81
C ASN A 79 12.20 18.21 -10.72
N LYS A 80 12.28 19.53 -10.82
CA LYS A 80 11.31 20.31 -11.63
C LYS A 80 11.33 19.94 -13.10
N GLU A 81 12.37 19.25 -13.59
CA GLU A 81 12.41 18.89 -14.99
C GLU A 81 11.39 17.78 -15.29
N HIS A 82 10.92 17.07 -14.29
CA HIS A 82 10.14 15.86 -14.50
C HIS A 82 8.67 16.09 -14.17
N GLN A 83 8.05 16.99 -14.90
CA GLN A 83 6.71 17.41 -14.64
C GLN A 83 5.64 16.31 -14.79
N ASP A 84 5.92 15.29 -15.55
CA ASP A 84 4.95 14.16 -15.69
C ASP A 84 5.04 13.18 -14.53
N GLN A 85 6.08 13.24 -13.71
CA GLN A 85 6.27 12.29 -12.61
C GLN A 85 5.70 12.80 -11.33
N VAL A 86 4.40 12.64 -11.10
CA VAL A 86 3.76 12.98 -9.92
C VAL A 86 3.80 11.81 -8.94
N ARG A 87 3.65 10.59 -9.44
CA ARG A 87 3.56 9.36 -8.64
C ARG A 87 4.82 8.52 -8.76
N ALA A 88 5.21 8.19 -9.99
CA ALA A 88 6.22 7.18 -10.26
C ALA A 88 7.60 7.78 -10.29
N GLY A 89 8.56 7.11 -9.67
CA GLY A 89 9.98 7.49 -9.67
C GLY A 89 10.56 7.47 -8.29
N TYR A 90 11.66 8.17 -8.20
CA TYR A 90 12.46 8.14 -6.97
C TYR A 90 12.08 9.32 -6.05
N TYR A 91 11.98 9.04 -4.76
CA TYR A 91 11.60 9.98 -3.72
C TYR A 91 12.88 10.06 -2.86
N LEU A 92 13.58 11.17 -2.94
CA LEU A 92 14.90 11.27 -2.34
C LEU A 92 14.85 11.51 -0.85
N SER A 93 15.88 11.04 -0.15
CA SER A 93 16.15 11.48 1.21
C SER A 93 16.73 12.87 1.16
N ILE A 94 16.66 13.53 2.31
CA ILE A 94 17.34 14.84 2.47
C ILE A 94 18.21 14.66 3.70
N PRO A 95 19.49 14.30 3.55
CA PRO A 95 20.27 14.00 4.72
C PRO A 95 20.26 15.14 5.70
N GLY A 96 20.23 14.84 7.00
CA GLY A 96 20.09 15.86 8.02
C GLY A 96 18.64 16.24 8.30
N LYS A 97 17.70 15.89 7.44
CA LYS A 97 16.32 16.35 7.53
C LYS A 97 15.23 15.29 7.34
N LYS A 98 15.41 14.44 6.34
CA LYS A 98 14.41 13.43 5.94
C LYS A 98 15.19 12.16 5.67
N ALA A 99 14.97 11.14 6.46
CA ALA A 99 15.76 9.94 6.33
C ALA A 99 15.25 8.98 5.27
N VAL A 100 13.96 8.80 5.20
CA VAL A 100 13.41 7.81 4.32
C VAL A 100 13.54 8.19 2.86
N GLU A 101 13.70 7.19 2.02
CA GLU A 101 13.73 7.35 0.58
C GLU A 101 13.01 6.18 -0.05
N SER A 102 12.60 6.29 -1.31
CA SER A 102 11.78 5.25 -1.89
C SER A 102 11.75 5.33 -3.37
N PHE A 103 11.25 4.26 -4.00
CA PHE A 103 11.03 4.20 -5.46
C PHE A 103 9.63 3.64 -5.69
N CYS A 104 8.80 4.38 -6.42
CA CYS A 104 7.43 4.01 -6.71
C CYS A 104 7.29 3.65 -8.19
N TYR A 105 6.54 2.60 -8.46
CA TYR A 105 6.17 2.28 -9.82
C TYR A 105 4.72 1.84 -9.85
N LEU A 106 4.15 2.00 -11.03
CA LEU A 106 2.73 1.76 -11.32
C LEU A 106 2.58 0.53 -12.22
N ASN A 107 1.36 0.34 -12.70
CA ASN A 107 1.01 -0.69 -13.67
C ASN A 107 2.02 -0.72 -14.81
N PRO A 108 2.68 -1.86 -15.04
CA PRO A 108 3.56 -1.99 -16.21
C PRO A 108 2.85 -1.84 -17.51
N ASN A 109 1.52 -2.07 -17.55
CA ASN A 109 0.78 -1.87 -18.78
C ASN A 109 0.52 -0.40 -19.15
N PHE A 110 0.87 0.53 -18.26
CA PHE A 110 0.78 1.95 -18.60
C PHE A 110 1.99 2.28 -19.46
N THR A 111 1.88 2.00 -20.73
CA THR A 111 2.90 2.18 -21.75
C THR A 111 2.52 3.42 -22.54
N PRO A 112 3.46 3.94 -23.34
CA PRO A 112 3.16 5.16 -24.07
C PRO A 112 1.90 5.08 -24.93
N ASP A 113 1.58 3.91 -25.44
CA ASP A 113 0.40 3.70 -26.28
C ASP A 113 -0.89 3.46 -25.48
N HIS A 114 -0.85 3.37 -24.16
CA HIS A 114 -2.05 3.05 -23.41
C HIS A 114 -3.04 4.21 -23.54
N PRO A 115 -4.33 3.93 -23.73
CA PRO A 115 -5.26 5.03 -23.98
C PRO A 115 -5.31 6.07 -22.86
N ARG A 116 -5.08 5.69 -21.61
CA ARG A 116 -5.12 6.68 -20.53
C ARG A 116 -3.86 7.52 -20.50
N ILE A 117 -2.73 6.97 -20.97
CA ILE A 117 -1.49 7.72 -21.09
C ILE A 117 -1.63 8.69 -22.25
N GLN A 118 -2.18 8.23 -23.38
CA GLN A 118 -2.41 9.09 -24.52
C GLN A 118 -3.31 10.26 -24.12
N ALA A 119 -4.33 10.02 -23.31
CA ALA A 119 -5.25 11.07 -22.91
C ALA A 119 -4.66 11.97 -21.79
N LYS A 120 -3.55 11.59 -21.21
CA LYS A 120 -2.91 12.27 -20.11
C LYS A 120 -3.86 12.33 -18.95
N THR A 121 -4.59 11.25 -18.67
CA THR A 121 -5.54 11.21 -17.55
C THR A 121 -4.76 11.25 -16.22
N PRO A 122 -5.20 12.08 -15.27
CA PRO A 122 -4.51 12.15 -13.98
C PRO A 122 -4.36 10.77 -13.36
N THR A 123 -3.24 10.60 -12.65
CA THR A 123 -2.85 9.44 -11.89
C THR A 123 -2.27 8.30 -12.72
N HIS A 124 -2.27 8.45 -14.04
CA HIS A 124 -1.64 7.47 -14.93
C HIS A 124 -0.33 8.02 -15.44
N GLU A 125 0.74 7.24 -15.29
CA GLU A 125 2.08 7.62 -15.77
C GLU A 125 2.80 6.39 -16.27
N VAL A 126 3.76 6.59 -17.15
CA VAL A 126 4.67 5.55 -17.61
C VAL A 126 5.79 5.42 -16.61
N ASN A 127 6.06 4.24 -16.11
CA ASN A 127 7.14 4.03 -15.17
C ASN A 127 8.45 4.46 -15.73
N VAL A 128 9.31 4.96 -14.82
CA VAL A 128 10.73 5.21 -15.09
C VAL A 128 11.60 4.18 -14.39
N TRP A 129 12.67 3.76 -15.04
CA TRP A 129 13.55 2.72 -14.57
C TRP A 129 14.99 3.15 -14.66
N PRO A 130 15.86 2.61 -13.76
CA PRO A 130 17.30 2.84 -13.93
C PRO A 130 17.85 2.09 -15.11
N ASP A 131 19.06 2.42 -15.49
CA ASP A 131 19.72 1.77 -16.60
CA ASP A 131 19.79 1.80 -16.56
C ASP A 131 19.93 0.28 -16.32
N GLU A 132 19.59 -0.52 -17.30
CA GLU A 132 19.64 -1.97 -17.17
C GLU A 132 21.05 -2.48 -16.87
N THR A 133 22.06 -1.86 -17.47
CA THR A 133 23.44 -2.29 -17.23
C THR A 133 23.89 -2.03 -15.80
N LYS A 134 23.36 -1.00 -15.16
CA LYS A 134 23.70 -0.69 -13.77
C LYS A 134 22.92 -1.52 -12.79
N HIS A 135 21.71 -1.92 -13.19
CA HIS A 135 20.80 -2.70 -12.34
C HIS A 135 20.26 -3.93 -13.05
N PRO A 136 21.14 -4.87 -13.38
CA PRO A 136 20.68 -5.96 -14.25
C PRO A 136 19.54 -6.75 -13.62
N GLY A 137 18.51 -7.00 -14.38
CA GLY A 137 17.41 -7.80 -13.92
C GLY A 137 16.38 -7.04 -13.09
N PHE A 138 16.67 -5.82 -12.65
CA PHE A 138 15.81 -5.16 -11.66
C PHE A 138 14.43 -4.84 -12.23
N GLN A 139 14.35 -4.23 -13.40
CA GLN A 139 13.07 -3.90 -14.00
C GLN A 139 12.24 -5.14 -14.19
N ASP A 140 12.82 -6.19 -14.72
CA ASP A 140 12.05 -7.37 -14.96
C ASP A 140 11.58 -7.98 -13.67
N PHE A 141 12.43 -8.04 -12.63
CA PHE A 141 12.02 -8.54 -11.35
C PHE A 141 10.87 -7.73 -10.80
N ALA A 142 11.00 -6.41 -10.82
CA ALA A 142 10.00 -5.52 -10.23
C ALA A 142 8.64 -5.63 -10.93
N GLU A 143 8.68 -5.73 -12.28
CA GLU A 143 7.44 -5.88 -13.02
C GLU A 143 6.79 -7.22 -12.71
N GLN A 144 7.56 -8.30 -12.62
CA GLN A 144 7.01 -9.58 -12.22
C GLN A 144 6.45 -9.52 -10.82
N TYR A 145 7.10 -8.82 -9.93
CA TYR A 145 6.57 -8.69 -8.56
C TYR A 145 5.22 -8.04 -8.55
N TYR A 146 5.08 -7.01 -9.36
CA TYR A 146 3.78 -6.36 -9.50
C TYR A 146 2.73 -7.38 -9.77
N TRP A 147 2.97 -8.27 -10.76
CA TRP A 147 1.95 -9.25 -11.10
C TRP A 147 1.78 -10.35 -10.06
N ASP A 148 2.83 -10.69 -9.32
CA ASP A 148 2.70 -11.68 -8.25
C ASP A 148 1.82 -11.07 -7.13
N VAL A 149 2.04 -9.84 -6.71
CA VAL A 149 1.28 -9.25 -5.64
C VAL A 149 -0.10 -8.82 -6.13
N PHE A 150 -0.25 -8.54 -7.42
CA PHE A 150 -1.60 -8.33 -8.00
C PHE A 150 -2.38 -9.62 -7.83
N GLY A 151 -1.79 -10.78 -8.11
CA GLY A 151 -2.50 -12.05 -7.97
C GLY A 151 -2.89 -12.34 -6.53
N LEU A 152 -2.03 -12.13 -5.57
CA LEU A 152 -2.40 -12.25 -4.18
C LEU A 152 -3.50 -11.30 -3.85
N SER A 153 -3.46 -10.05 -4.31
CA SER A 153 -4.45 -9.07 -3.97
C SER A 153 -5.81 -9.46 -4.53
N SER A 154 -5.84 -9.98 -5.73
CA SER A 154 -7.08 -10.46 -6.31
C SER A 154 -7.71 -11.52 -5.46
N ALA A 155 -6.92 -12.46 -4.98
CA ALA A 155 -7.43 -13.51 -4.08
C ALA A 155 -7.96 -12.86 -2.79
N LEU A 156 -7.22 -11.94 -2.19
CA LEU A 156 -7.68 -11.28 -0.97
C LEU A 156 -8.97 -10.53 -1.19
N LEU A 157 -9.14 -9.91 -2.35
CA LEU A 157 -10.35 -9.21 -2.66
C LEU A 157 -11.52 -10.16 -2.82
N LYS A 158 -11.29 -11.40 -3.22
CA LYS A 158 -12.36 -12.38 -3.22
C LYS A 158 -12.78 -12.66 -1.80
N GLY A 159 -11.83 -12.78 -0.88
CA GLY A 159 -12.14 -12.95 0.53
C GLY A 159 -12.92 -11.80 1.12
N TYR A 160 -12.51 -10.56 0.84
CA TYR A 160 -13.29 -9.43 1.33
C TYR A 160 -14.73 -9.36 0.81
N ALA A 161 -14.89 -9.69 -0.47
CA ALA A 161 -16.22 -9.72 -1.05
C ALA A 161 -17.12 -10.74 -0.37
N LEU A 162 -16.60 -11.93 -0.22
CA LEU A 162 -17.36 -12.98 0.49
C LEU A 162 -17.69 -12.55 1.92
N ALA A 163 -16.73 -11.93 2.58
CA ALA A 163 -16.90 -11.46 3.96
C ALA A 163 -18.06 -10.49 4.10
N LEU A 164 -18.27 -9.68 3.05
CA LEU A 164 -19.28 -8.62 3.05
C LEU A 164 -20.60 -9.10 2.54
N GLY A 165 -20.73 -10.38 2.27
CA GLY A 165 -22.00 -10.95 1.80
C GLY A 165 -22.22 -10.83 0.31
N LYS A 166 -21.15 -10.55 -0.43
CA LYS A 166 -21.22 -10.37 -1.88
C LYS A 166 -20.68 -11.60 -2.60
N GLU A 167 -20.82 -11.66 -3.93
CA GLU A 167 -20.21 -12.69 -4.76
C GLU A 167 -18.72 -12.38 -4.83
N GLU A 168 -17.89 -13.40 -5.07
CA GLU A 168 -16.45 -13.24 -4.85
C GLU A 168 -15.81 -12.25 -5.79
N ASN A 169 -16.43 -12.00 -6.96
CA ASN A 169 -15.85 -11.00 -7.91
C ASN A 169 -16.32 -9.57 -7.68
N PHE A 170 -16.94 -9.25 -6.55
CA PHE A 170 -17.51 -7.96 -6.33
C PHE A 170 -16.52 -6.78 -6.45
N PHE A 171 -15.36 -6.96 -5.83
CA PHE A 171 -14.26 -5.98 -5.98
C PHE A 171 -13.37 -6.38 -7.12
N ALA A 172 -13.01 -7.65 -7.27
CA ALA A 172 -12.03 -8.06 -8.25
C ALA A 172 -12.40 -7.75 -9.68
N ARG A 173 -13.69 -7.65 -9.99
CA ARG A 173 -14.06 -7.30 -11.38
C ARG A 173 -13.65 -5.87 -11.75
N HIS A 174 -13.34 -5.03 -10.77
CA HIS A 174 -12.87 -3.66 -11.00
C HIS A 174 -11.34 -3.54 -10.86
N PHE A 175 -10.68 -4.65 -10.64
CA PHE A 175 -9.23 -4.75 -10.41
C PHE A 175 -8.62 -5.57 -11.52
N LYS A 176 -8.22 -4.86 -12.58
CA LYS A 176 -7.90 -5.54 -13.86
C LYS A 176 -6.50 -5.15 -14.31
N PRO A 177 -5.76 -6.10 -14.89
CA PRO A 177 -4.42 -5.79 -15.35
C PRO A 177 -4.32 -4.63 -16.28
N ASP A 178 -5.25 -4.42 -17.15
CA ASP A 178 -5.08 -3.39 -18.16
C ASP A 178 -5.25 -2.02 -17.58
N ASP A 179 -5.89 -1.84 -16.42
CA ASP A 179 -6.22 -0.49 -15.98
C ASP A 179 -6.01 -0.17 -14.49
N THR A 180 -5.58 -1.14 -13.69
CA THR A 180 -5.44 -0.82 -12.28
C THR A 180 -4.51 0.31 -12.02
N LEU A 181 -4.90 1.17 -11.08
CA LEU A 181 -4.08 2.26 -10.55
C LEU A 181 -3.20 1.85 -9.37
N ALA A 182 -3.09 0.56 -9.12
CA ALA A 182 -2.28 0.06 -8.01
C ALA A 182 -0.82 0.48 -8.17
N SER A 183 -0.15 0.61 -7.04
CA SER A 183 1.27 0.99 -7.05
C SER A 183 2.07 0.11 -6.08
N VAL A 184 3.34 -0.11 -6.40
CA VAL A 184 4.31 -0.66 -5.48
C VAL A 184 5.22 0.47 -5.06
N VAL A 185 5.58 0.56 -3.78
CA VAL A 185 6.60 1.44 -3.29
C VAL A 185 7.69 0.67 -2.62
N LEU A 186 8.93 0.84 -3.02
CA LEU A 186 10.06 0.17 -2.40
C LEU A 186 10.76 1.13 -1.47
N ILE A 187 10.41 1.12 -0.22
CA ILE A 187 10.85 2.09 0.79
C ILE A 187 12.08 1.60 1.54
N ARG A 188 13.08 2.45 1.60
CA ARG A 188 14.29 2.26 2.38
C ARG A 188 14.27 3.16 3.61
N TYR A 189 14.27 2.58 4.80
CA TYR A 189 14.56 3.32 6.03
C TYR A 189 15.97 3.00 6.41
N PRO A 190 16.77 4.02 6.59
CA PRO A 190 18.18 3.83 6.92
C PRO A 190 18.50 3.73 8.40
N TYR A 191 19.59 3.05 8.70
CA TYR A 191 20.32 3.23 9.95
C TYR A 191 21.21 4.44 9.81
N LEU A 192 21.16 5.38 10.74
CA LEU A 192 21.99 6.57 10.74
C LEU A 192 22.57 6.82 12.10
N ASP A 193 23.85 7.15 12.13
CA ASP A 193 24.55 7.45 13.41
C ASP A 193 25.42 8.69 13.21
N PRO A 194 25.00 9.85 13.73
CA PRO A 194 23.83 10.11 14.53
C PRO A 194 22.58 10.23 13.65
N TYR A 195 21.43 9.97 14.24
CA TYR A 195 20.17 10.08 13.51
C TYR A 195 19.70 11.51 13.70
N PRO A 196 19.45 12.22 12.61
CA PRO A 196 19.13 13.65 12.84
C PRO A 196 17.74 13.84 13.44
N GLU A 197 17.67 14.67 14.46
CA GLU A 197 16.40 14.97 15.14
C GLU A 197 15.40 15.56 14.20
N ALA A 198 15.85 16.34 13.21
CA ALA A 198 14.92 16.86 12.25
C ALA A 198 14.14 15.84 11.50
N ALA A 199 14.66 14.60 11.41
CA ALA A 199 13.98 13.55 10.71
C ALA A 199 13.14 12.67 11.64
N ILE A 200 13.01 13.09 12.89
CA ILE A 200 12.22 12.38 13.87
C ILE A 200 11.05 13.30 14.27
N LYS A 201 9.84 12.81 14.17
CA LYS A 201 8.65 13.56 14.58
C LYS A 201 8.23 13.08 15.96
N THR A 202 7.41 13.85 16.65
CA THR A 202 7.00 13.46 17.96
C THR A 202 5.47 13.51 18.04
N ALA A 203 4.83 12.41 18.40
CA ALA A 203 3.37 12.34 18.58
C ALA A 203 2.93 13.06 19.82
N ALA A 204 1.64 13.38 19.89
CA ALA A 204 1.13 14.06 21.06
C ALA A 204 1.43 13.28 22.34
N ASP A 205 1.44 11.95 22.25
CA ASP A 205 1.70 11.10 23.43
C ASP A 205 3.17 10.89 23.68
N GLY A 206 4.03 11.57 22.93
CA GLY A 206 5.43 11.50 23.14
C GLY A 206 6.18 10.47 22.32
N THR A 207 5.47 9.62 21.62
CA THR A 207 6.12 8.57 20.82
C THR A 207 6.89 9.20 19.69
N LYS A 208 8.13 8.75 19.46
CA LYS A 208 8.92 9.21 18.37
C LYS A 208 8.48 8.47 17.11
N LEU A 209 8.24 9.23 16.04
CA LEU A 209 7.66 8.73 14.78
C LEU A 209 8.51 9.04 13.57
N SER A 210 8.43 8.22 12.55
CA SER A 210 8.86 8.57 11.23
C SER A 210 7.71 9.12 10.40
N PHE A 211 6.47 8.79 10.73
CA PHE A 211 5.32 9.28 9.94
C PHE A 211 4.12 9.27 10.84
N GLU A 212 3.33 10.32 10.75
CA GLU A 212 2.16 10.55 11.62
C GLU A 212 0.97 9.64 11.25
N TRP A 213 0.02 9.73 12.13
CA TRP A 213 -1.24 9.00 12.00
C TRP A 213 -1.88 9.32 10.65
N HIS A 214 -2.50 8.29 10.08
CA HIS A 214 -3.22 8.42 8.82
C HIS A 214 -4.09 7.21 8.60
N GLU A 215 -5.02 7.36 7.68
CA GLU A 215 -5.67 6.25 7.01
C GLU A 215 -5.04 6.06 5.64
N ASP A 216 -4.98 4.83 5.16
CA ASP A 216 -4.41 4.56 3.84
C ASP A 216 -5.35 5.07 2.71
N VAL A 217 -4.70 5.53 1.65
CA VAL A 217 -5.37 5.82 0.40
C VAL A 217 -5.27 4.59 -0.48
N SER A 218 -6.33 3.77 -0.38
CA SER A 218 -6.35 2.46 -1.04
C SER A 218 -7.72 1.85 -0.83
N LEU A 219 -8.00 0.80 -1.58
CA LEU A 219 -9.08 -0.16 -1.22
C LEU A 219 -8.60 -1.04 -0.08
N ILE A 220 -7.51 -1.77 -0.34
CA ILE A 220 -6.73 -2.46 0.70
C ILE A 220 -5.25 -2.18 0.44
N THR A 221 -4.43 -2.41 1.47
CA THR A 221 -2.99 -2.31 1.39
C THR A 221 -2.38 -3.65 1.73
N VAL A 222 -1.41 -4.09 0.90
CA VAL A 222 -0.85 -5.48 1.00
C VAL A 222 0.66 -5.27 1.18
N LEU A 223 1.14 -5.41 2.41
CA LEU A 223 2.46 -4.90 2.78
C LEU A 223 3.45 -5.94 3.21
N TYR A 224 4.64 -5.94 2.63
CA TYR A 224 5.75 -6.70 3.18
C TYR A 224 6.69 -5.74 3.92
N GLN A 225 7.12 -6.08 5.11
CA GLN A 225 8.15 -5.33 5.84
C GLN A 225 9.19 -6.25 6.41
N SER A 226 10.36 -5.70 6.66
CA SER A 226 11.39 -6.40 7.45
C SER A 226 10.88 -6.76 8.79
N ASN A 227 11.65 -7.62 9.45
CA ASN A 227 11.31 -8.09 10.77
C ASN A 227 11.83 -7.14 11.85
N VAL A 228 11.38 -5.90 11.82
CA VAL A 228 11.71 -4.87 12.78
C VAL A 228 10.39 -4.20 13.14
N GLN A 229 10.02 -4.29 14.39
CA GLN A 229 8.73 -3.75 14.84
C GLN A 229 8.71 -2.24 14.70
N ASN A 230 7.63 -1.71 14.09
CA ASN A 230 7.54 -0.24 13.94
C ASN A 230 6.15 0.30 13.85
N LEU A 231 5.15 -0.46 13.42
CA LEU A 231 3.81 0.11 13.20
C LEU A 231 2.99 0.06 14.45
N GLN A 232 2.13 1.06 14.56
CA GLN A 232 1.11 1.12 15.60
C GLN A 232 -0.25 1.42 15.00
N VAL A 233 -1.27 0.80 15.58
CA VAL A 233 -2.66 1.00 15.18
C VAL A 233 -3.46 1.59 16.32
N GLU A 234 -4.27 2.60 16.05
CA GLU A 234 -5.14 3.19 17.06
C GLU A 234 -6.37 2.26 17.22
N THR A 235 -6.63 1.87 18.45
CA THR A 235 -7.81 1.13 18.80
C THR A 235 -8.53 1.90 19.89
N ALA A 236 -9.71 1.40 20.29
CA ALA A 236 -10.49 2.02 21.37
C ALA A 236 -9.70 1.98 22.66
N ALA A 237 -8.74 1.05 22.75
CA ALA A 237 -7.80 1.03 23.87
C ALA A 237 -6.51 1.79 23.68
N GLY A 238 -6.43 2.64 22.65
CA GLY A 238 -5.27 3.48 22.41
C GLY A 238 -4.39 2.86 21.32
N TYR A 239 -3.22 3.45 21.09
CA TYR A 239 -2.28 2.95 20.08
C TYR A 239 -1.69 1.65 20.60
N GLN A 240 -1.63 0.66 19.74
CA GLN A 240 -1.10 -0.65 20.07
C GLN A 240 -0.05 -1.04 19.04
N ASP A 241 0.98 -1.77 19.44
CA ASP A 241 2.06 -2.17 18.56
C ASP A 241 1.67 -3.36 17.70
N ILE A 242 1.85 -3.23 16.41
CA ILE A 242 1.69 -4.34 15.50
C ILE A 242 3.00 -5.15 15.39
N GLU A 243 2.96 -6.42 15.78
CA GLU A 243 4.14 -7.27 15.69
C GLU A 243 4.60 -7.39 14.27
N ALA A 244 5.92 -7.39 14.09
CA ALA A 244 6.49 -7.64 12.78
C ALA A 244 6.40 -9.16 12.45
N ASP A 245 6.39 -9.45 11.16
CA ASP A 245 6.39 -10.83 10.66
C ASP A 245 6.82 -10.68 9.16
N ASP A 246 8.10 -10.87 8.96
CA ASP A 246 8.66 -10.82 7.59
C ASP A 246 8.47 -12.11 6.73
N THR A 247 7.58 -13.00 7.16
CA THR A 247 7.15 -14.09 6.32
C THR A 247 5.76 -13.88 5.70
N GLY A 248 4.97 -13.02 6.30
CA GLY A 248 3.57 -12.74 5.94
C GLY A 248 3.43 -11.38 5.31
N TYR A 249 2.27 -11.13 4.71
CA TYR A 249 1.87 -9.85 4.28
C TYR A 249 0.88 -9.22 5.29
N LEU A 250 1.15 -7.99 5.71
CA LEU A 250 0.24 -7.26 6.58
C LEU A 250 -0.81 -6.60 5.73
N ILE A 251 -2.08 -6.89 6.01
CA ILE A 251 -3.20 -6.42 5.24
C ILE A 251 -4.03 -5.48 6.08
N ASN A 252 -4.52 -4.39 5.49
CA ASN A 252 -5.51 -3.53 6.09
C ASN A 252 -6.33 -2.86 5.02
N CYS A 253 -7.49 -2.38 5.42
CA CYS A 253 -8.34 -1.57 4.53
C CYS A 253 -7.84 -0.15 4.43
N GLY A 254 -8.10 0.46 3.28
CA GLY A 254 -7.97 1.90 3.09
C GLY A 254 -9.31 2.59 3.04
N SER A 255 -9.30 3.91 2.91
CA SER A 255 -10.49 4.66 3.11
C SER A 255 -11.51 4.44 2.00
N TYR A 256 -11.14 3.93 0.84
CA TYR A 256 -12.17 3.59 -0.13
C TYR A 256 -13.06 2.45 0.37
N MET A 257 -12.47 1.46 1.02
CA MET A 257 -13.25 0.37 1.62
C MET A 257 -14.17 0.89 2.67
N ALA A 258 -13.69 1.82 3.49
CA ALA A 258 -14.50 2.41 4.52
C ALA A 258 -15.67 3.11 3.89
N HIS A 259 -15.47 3.85 2.82
CA HIS A 259 -16.54 4.53 2.13
C HIS A 259 -17.55 3.52 1.63
N LEU A 260 -17.11 2.52 0.88
CA LEU A 260 -18.02 1.54 0.26
C LEU A 260 -18.85 0.77 1.27
N THR A 261 -18.29 0.54 2.46
CA THR A 261 -18.97 -0.29 3.49
C THR A 261 -19.64 0.58 4.60
N ASN A 262 -19.69 1.89 4.42
CA ASN A 262 -20.21 2.77 5.44
C ASN A 262 -19.56 2.55 6.80
N ASN A 263 -18.27 2.45 6.74
CA ASN A 263 -17.41 2.32 7.90
C ASN A 263 -17.62 1.01 8.68
N TYR A 264 -18.30 0.03 8.09
CA TYR A 264 -18.33 -1.31 8.67
C TYR A 264 -16.95 -1.91 8.75
N TYR A 265 -16.20 -1.79 7.63
CA TYR A 265 -14.78 -2.08 7.61
C TYR A 265 -14.11 -0.74 7.57
N LYS A 266 -13.68 -0.27 8.74
CA LYS A 266 -13.00 1.00 8.87
C LYS A 266 -11.64 0.92 8.23
N ALA A 267 -11.12 2.06 7.82
CA ALA A 267 -9.77 2.18 7.45
C ALA A 267 -8.99 2.48 8.76
N PRO A 268 -8.19 1.56 9.29
CA PRO A 268 -7.63 1.77 10.59
C PRO A 268 -6.60 2.88 10.54
N ILE A 269 -6.63 3.72 11.56
CA ILE A 269 -5.64 4.77 11.75
C ILE A 269 -4.36 4.12 12.30
N HIS A 270 -3.24 4.42 11.63
CA HIS A 270 -1.97 3.86 12.04
C HIS A 270 -0.89 4.87 11.85
N ARG A 271 0.26 4.60 12.46
CA ARG A 271 1.42 5.50 12.38
C ARG A 271 2.69 4.68 12.42
N VAL A 272 3.80 5.29 12.05
CA VAL A 272 5.09 4.59 11.92
C VAL A 272 6.01 5.13 12.97
N LYS A 273 6.39 4.28 13.91
CA LYS A 273 7.38 4.68 14.91
C LYS A 273 8.75 4.87 14.26
N TRP A 274 9.49 5.82 14.82
CA TRP A 274 10.92 5.99 14.57
C TRP A 274 11.71 4.80 15.16
N VAL A 275 12.45 4.13 14.29
CA VAL A 275 13.36 3.10 14.73
C VAL A 275 14.68 3.34 14.00
N ASN A 276 15.79 3.34 14.71
CA ASN A 276 17.06 3.54 14.03
C ASN A 276 17.59 2.19 13.54
N ALA A 277 17.10 1.77 12.40
CA ALA A 277 17.42 0.47 11.82
C ALA A 277 17.33 0.56 10.32
N GLU A 278 18.21 -0.14 9.65
CA GLU A 278 18.17 -0.33 8.22
C GLU A 278 17.10 -1.33 7.91
N ARG A 279 16.02 -0.92 7.26
CA ARG A 279 14.88 -1.81 7.01
C ARG A 279 14.13 -1.42 5.77
N GLN A 280 13.22 -2.29 5.40
CA GLN A 280 12.43 -2.14 4.17
C GLN A 280 10.98 -2.11 4.52
N SER A 281 10.23 -1.33 3.78
CA SER A 281 8.76 -1.37 3.81
C SER A 281 8.29 -1.36 2.35
N LEU A 282 7.54 -2.35 1.94
CA LEU A 282 7.26 -2.61 0.50
C LEU A 282 5.75 -2.72 0.33
N PRO A 283 4.97 -1.64 0.41
CA PRO A 283 3.54 -1.70 0.21
C PRO A 283 3.13 -1.84 -1.25
N PHE A 284 2.04 -2.56 -1.43
CA PHE A 284 1.25 -2.59 -2.70
C PHE A 284 -0.07 -1.98 -2.33
N PHE A 285 -0.39 -0.85 -2.91
CA PHE A 285 -1.66 -0.16 -2.68
C PHE A 285 -2.61 -0.66 -3.71
N VAL A 286 -3.65 -1.38 -3.28
CA VAL A 286 -4.65 -1.96 -4.17
C VAL A 286 -5.68 -0.89 -4.52
N ASN A 287 -5.50 -0.33 -5.72
CA ASN A 287 -6.32 0.71 -6.28
C ASN A 287 -7.08 0.11 -7.48
N LEU A 288 -8.31 0.58 -7.72
CA LEU A 288 -9.15 0.09 -8.84
C LEU A 288 -8.79 0.91 -10.11
N GLY A 289 -9.64 0.85 -11.11
CA GLY A 289 -9.48 1.70 -12.29
C GLY A 289 -9.95 3.08 -12.14
N TYR A 290 -9.56 3.96 -13.04
CA TYR A 290 -9.90 5.36 -12.90
C TYR A 290 -11.41 5.62 -12.85
N ASP A 291 -12.17 4.91 -13.64
CA ASP A 291 -13.61 5.09 -13.72
C ASP A 291 -14.39 4.06 -12.89
N SER A 292 -13.73 3.23 -12.11
CA SER A 292 -14.41 2.25 -11.32
C SER A 292 -15.26 2.96 -10.28
N VAL A 293 -16.52 2.58 -10.17
CA VAL A 293 -17.42 3.12 -9.16
C VAL A 293 -18.15 1.91 -8.60
N ILE A 294 -18.09 1.71 -7.30
CA ILE A 294 -18.94 0.73 -6.68
C ILE A 294 -19.99 1.46 -5.84
N ASP A 295 -21.24 1.07 -5.91
CA ASP A 295 -22.27 1.71 -5.12
C ASP A 295 -22.12 1.38 -3.64
N PRO A 296 -22.03 2.44 -2.84
CA PRO A 296 -21.85 2.20 -1.43
C PRO A 296 -23.04 1.44 -0.81
N PHE A 297 -22.74 0.65 0.20
CA PHE A 297 -23.72 -0.17 0.86
C PHE A 297 -23.41 -0.21 2.35
N ASP A 298 -24.29 -0.86 3.13
CA ASP A 298 -24.07 -0.99 4.57
C ASP A 298 -24.50 -2.37 5.06
N PRO A 299 -23.55 -3.28 5.32
CA PRO A 299 -23.83 -4.67 5.79
C PRO A 299 -24.33 -4.79 7.25
N ARG A 300 -24.52 -3.64 7.89
CA ARG A 300 -25.19 -3.61 9.19
C ARG A 300 -26.65 -3.19 9.06
N GLU A 301 -27.13 -2.80 7.88
CA GLU A 301 -28.51 -2.36 7.71
C GLU A 301 -29.31 -3.41 6.98
N PRO A 302 -30.53 -3.72 7.47
CA PRO A 302 -31.32 -4.75 6.80
C PRO A 302 -31.45 -4.60 5.29
N ASN A 303 -31.72 -3.41 4.78
CA ASN A 303 -31.85 -3.26 3.33
C ASN A 303 -30.51 -3.03 2.62
N GLY A 304 -29.41 -3.07 3.37
CA GLY A 304 -28.09 -2.85 2.81
C GLY A 304 -27.82 -1.46 2.29
N LYS A 305 -28.74 -0.49 2.49
CA LYS A 305 -28.60 0.84 1.86
C LYS A 305 -27.73 1.77 2.67
N SER A 306 -27.04 2.65 1.97
CA SER A 306 -26.17 3.61 2.62
C SER A 306 -26.53 5.03 2.22
N ASP A 307 -26.37 6.00 3.13
CA ASP A 307 -26.54 7.41 2.73
C ASP A 307 -25.23 8.10 2.28
N ARG A 308 -24.30 7.32 1.75
CA ARG A 308 -23.11 7.83 1.05
C ARG A 308 -23.33 7.84 -0.44
N GLU A 309 -22.74 8.80 -1.13
CA GLU A 309 -22.81 8.87 -2.56
C GLU A 309 -21.67 8.17 -3.28
N PRO A 310 -21.95 7.66 -4.46
CA PRO A 310 -20.90 7.00 -5.21
C PRO A 310 -19.74 7.92 -5.56
N LEU A 311 -18.53 7.38 -5.50
CA LEU A 311 -17.32 8.11 -5.70
C LEU A 311 -16.48 7.30 -6.64
N SER A 312 -16.07 7.86 -7.77
CA SER A 312 -15.18 7.12 -8.65
C SER A 312 -13.83 6.95 -8.05
N TYR A 313 -13.15 5.84 -8.43
CA TYR A 313 -11.86 5.56 -7.79
C TYR A 313 -10.84 6.60 -8.21
N GLY A 314 -10.85 7.03 -9.47
CA GLY A 314 -9.86 8.04 -9.89
C GLY A 314 -10.01 9.36 -9.12
N ASP A 315 -11.25 9.82 -8.84
CA ASP A 315 -11.45 11.02 -8.04
CA ASP A 315 -11.52 10.99 -8.02
C ASP A 315 -10.95 10.79 -6.61
N TYR A 316 -11.33 9.67 -6.03
CA TYR A 316 -10.86 9.31 -4.71
C TYR A 316 -9.34 9.37 -4.61
N LEU A 317 -8.67 8.74 -5.58
CA LEU A 317 -7.22 8.55 -5.50
C LEU A 317 -6.53 9.90 -5.67
N GLN A 318 -6.89 10.65 -6.71
CA GLN A 318 -6.17 11.88 -6.95
CA GLN A 318 -6.27 11.96 -6.97
C GLN A 318 -6.34 12.78 -5.72
N ASN A 319 -7.56 12.91 -5.17
CA ASN A 319 -7.74 13.78 -4.04
CA ASN A 319 -7.84 13.70 -3.97
C ASN A 319 -7.07 13.19 -2.79
N GLY A 320 -7.08 11.88 -2.58
CA GLY A 320 -6.47 11.29 -1.41
C GLY A 320 -4.96 11.45 -1.34
N LEU A 321 -4.30 11.28 -2.47
CA LEU A 321 -2.84 11.39 -2.49
C LEU A 321 -2.42 12.83 -2.19
N VAL A 322 -3.12 13.84 -2.76
CA VAL A 322 -2.83 15.23 -2.42
C VAL A 322 -3.08 15.52 -0.95
N SER A 323 -4.21 15.04 -0.46
CA SER A 323 -4.56 15.29 0.92
C SER A 323 -3.54 14.71 1.88
N LEU A 324 -3.04 13.51 1.59
CA LEU A 324 -2.10 12.89 2.47
C LEU A 324 -0.76 13.63 2.51
N ILE A 325 -0.35 14.17 1.36
CA ILE A 325 0.85 15.02 1.30
C ILE A 325 0.62 16.26 2.13
N ASN A 326 -0.53 16.89 1.98
CA ASN A 326 -0.78 18.10 2.77
C ASN A 326 -0.82 17.82 4.24
N LYS A 327 -1.39 16.69 4.65
CA LYS A 327 -1.51 16.38 6.07
C LYS A 327 -0.16 15.99 6.73
N ASN A 328 0.54 15.05 6.06
CA ASN A 328 1.67 14.42 6.70
C ASN A 328 3.01 14.70 6.01
N GLY A 329 3.00 15.49 4.95
CA GLY A 329 4.26 15.96 4.31
C GLY A 329 4.62 15.15 3.09
N GLN A 330 5.40 15.77 2.21
CA GLN A 330 5.91 15.06 1.05
C GLN A 330 6.87 13.97 1.49
N THR A 331 6.67 12.75 1.00
CA THR A 331 7.52 11.61 1.35
C THR A 331 8.67 11.48 0.36
FE FE B . -0.25 3.49 5.85
O20 HFV C . 0.50 5.29 -5.35
C1 HFV C . 1.33 6.21 -5.30
O19 HFV C . 1.47 7.11 -6.18
C2 HFV C . 2.20 6.31 -4.06
N14 HFV C . 3.20 7.41 -4.27
C3 HFV C . 1.33 6.62 -2.86
C4 HFV C . 2.10 6.76 -1.54
C7 HFV C . 1.09 7.21 -0.46
C10 HFV C . 1.84 7.37 0.81
O15 HFV C . 2.69 8.24 0.98
N11 HFV C . 1.52 6.54 1.81
C12 HFV C . 2.24 6.58 3.07
C16 HFV C . 1.32 6.00 4.14
S17 HFV C . 0.74 4.31 3.75
C13 HFV C . 3.56 5.85 3.01
O18 HFV C . 3.95 5.29 1.97
N29 HFV C . 4.29 5.87 4.09
C30 HFV C . 5.55 5.15 4.23
C31 HFV C . 5.41 4.13 5.39
O42 HFV C . 6.42 3.53 5.73
O43 HFV C . 4.26 3.99 5.87
C32 HFV C . 6.81 5.98 4.43
C37 HFV C . 6.62 7.09 5.48
F24 HFV C . 7.86 7.49 5.83
F25 HFV C . 6.04 6.57 6.50
F26 HFV C . 6.02 8.14 5.04
C33 HFV C . 7.18 6.63 3.09
F21 HFV C . 7.52 5.66 2.19
F23 HFV C . 6.27 7.30 2.48
F22 HFV C . 8.26 7.43 3.19
S SO4 D . 12.15 -12.54 -12.27
O1 SO4 D . 11.06 -13.25 -12.93
O2 SO4 D . 11.52 -12.28 -10.95
O3 SO4 D . 13.32 -13.44 -12.18
O4 SO4 D . 12.56 -11.38 -13.06
#